data_3O7W
#
_entry.id   3O7W
#
_cell.length_a   49.086
_cell.length_b   63.296
_cell.length_c   81.770
_cell.angle_alpha   90.00
_cell.angle_beta   90.00
_cell.angle_gamma   90.00
#
_symmetry.space_group_name_H-M   'P 21 21 21'
#
loop_
_entity.id
_entity.type
_entity.pdbx_description
1 polymer 'Leucine carboxyl methyltransferase 1'
2 non-polymer GLYCEROL
3 non-polymer S-ADENOSYLMETHIONINE
4 non-polymer 'SODIUM ION'
5 water water
#
_entity_poly.entity_id   1
_entity_poly.type   'polypeptide(L)'
_entity_poly.pdbx_seq_one_letter_code
;GAMDENDEGVRGTCEDASLCKRFAVSIGYWHDPYIQHFVRLSKERKAPEINRGYFARVHGVSQLIKAFLRKTECHCQIVN
LGAGMDTTFWRLKDEDLLPSKYFEVDFPMIVTRKLHSIKCKPPLSSPILELHSEDTLQMDGHILDSKRYAVIGADLRDLS
ELEEKLKKCNMNTQLPTLLIAECVLVYMTPEQSANLLKWAANSFERAMFINYEQVNEGKSLESQKERLLSNGWETASAVD
MMELYNRLPRAEVSRIESLEFLDEMELLEQLMRHYCLCWATKGGNELGLKEITY
;
_entity_poly.pdbx_strand_id   A
#
# COMPACT_ATOMS: atom_id res chain seq x y z
N THR A 13 16.24 4.94 -15.45
CA THR A 13 16.16 5.18 -13.97
C THR A 13 15.69 3.95 -13.20
N CYS A 14 15.82 4.06 -11.89
CA CYS A 14 15.33 3.07 -10.95
C CYS A 14 15.31 3.79 -9.60
N GLU A 15 14.17 3.75 -8.91
CA GLU A 15 13.87 4.65 -7.77
C GLU A 15 13.50 3.79 -6.56
N ASP A 16 13.83 4.23 -5.34
CA ASP A 16 13.32 3.55 -4.12
C ASP A 16 12.18 4.39 -3.50
N ALA A 17 10.96 3.85 -3.54
CA ALA A 17 9.74 4.60 -3.21
C ALA A 17 9.80 5.11 -1.79
N SER A 18 10.42 4.32 -0.94
CA SER A 18 10.50 4.65 0.47
C SER A 18 11.52 5.78 0.75
N LEU A 19 12.59 5.86 -0.05
CA LEU A 19 13.48 7.03 0.07
C LEU A 19 12.76 8.30 -0.42
N CYS A 20 11.99 8.17 -1.48
CA CYS A 20 11.33 9.32 -2.08
C CYS A 20 10.20 9.80 -1.15
N LYS A 21 9.60 8.84 -0.43
CA LYS A 21 8.55 9.17 0.54
C LYS A 21 9.15 9.90 1.72
N ARG A 22 10.32 9.43 2.16
CA ARG A 22 11.05 10.07 3.26
C ARG A 22 11.37 11.51 2.85
N PHE A 23 11.76 11.68 1.60
CA PHE A 23 12.13 13.01 1.11
C PHE A 23 10.93 13.96 1.09
N ALA A 24 9.85 13.54 0.42
CA ALA A 24 8.65 14.36 0.40
C ALA A 24 8.13 14.67 1.81
N VAL A 25 8.20 13.70 2.71
CA VAL A 25 7.72 13.93 4.08
C VAL A 25 8.55 15.03 4.73
N SER A 26 9.86 14.93 4.59
CA SER A 26 10.77 15.97 5.10
C SER A 26 10.36 17.38 4.67
N ILE A 27 9.82 17.54 3.46
CA ILE A 27 9.42 18.89 2.99
C ILE A 27 8.00 19.32 3.44
N GLY A 28 7.20 18.37 3.91
CA GLY A 28 5.91 18.65 4.54
C GLY A 28 4.70 18.10 3.81
N TYR A 29 4.92 17.32 2.75
CA TYR A 29 3.82 16.91 1.89
C TYR A 29 2.77 16.08 2.63
N TRP A 30 3.20 15.21 3.53
CA TRP A 30 2.23 14.58 4.42
C TRP A 30 2.91 14.21 5.73
N HIS A 31 2.12 13.77 6.69
CA HIS A 31 2.58 13.53 8.05
C HIS A 31 2.99 12.06 8.17
N ASP A 32 4.28 11.82 8.46
CA ASP A 32 4.82 10.48 8.72
C ASP A 32 6.03 10.59 9.64
N PRO A 33 5.80 10.54 10.98
CA PRO A 33 6.91 10.54 11.94
C PRO A 33 7.74 9.25 11.90
N TYR A 34 7.31 8.24 11.14
CA TYR A 34 7.91 6.90 11.25
C TYR A 34 8.94 6.58 10.20
N ILE A 35 8.74 7.09 8.98
CA ILE A 35 9.63 6.72 7.88
C ILE A 35 11.11 7.03 8.15
N GLN A 36 11.37 8.12 8.89
CA GLN A 36 12.75 8.50 9.26
C GLN A 36 13.46 7.41 10.09
N HIS A 37 12.69 6.56 10.76
CA HIS A 37 13.27 5.44 11.52
C HIS A 37 13.59 4.24 10.62
N PHE A 38 13.12 4.29 9.38
CA PHE A 38 13.52 3.26 8.42
C PHE A 38 14.62 3.60 7.44
N VAL A 39 14.71 4.83 6.96
CA VAL A 39 15.62 5.13 5.84
C VAL A 39 16.20 6.51 5.95
N ARG A 40 17.34 6.73 5.30
CA ARG A 40 17.98 8.04 5.36
C ARG A 40 17.28 9.06 4.44
N LEU A 41 17.50 10.33 4.75
CA LEU A 41 17.08 11.46 3.93
C LEU A 41 18.18 11.88 2.93
N SER A 42 17.84 11.86 1.64
CA SER A 42 18.73 12.38 0.62
C SER A 42 18.86 13.89 0.72
N LYS A 43 20.04 14.43 0.46
CA LYS A 43 20.27 15.86 0.49
C LYS A 43 20.28 16.48 -0.92
N GLU A 44 20.05 15.68 -1.95
CA GLU A 44 19.87 16.18 -3.31
C GLU A 44 18.70 17.17 -3.40
N ARG A 45 18.62 17.88 -4.52
CA ARG A 45 17.44 18.64 -4.84
C ARG A 45 16.70 17.80 -5.84
N LYS A 46 15.37 17.80 -5.75
CA LYS A 46 14.52 17.04 -6.66
C LYS A 46 13.59 17.99 -7.39
N ALA A 47 13.15 17.60 -8.59
CA ALA A 47 12.07 18.33 -9.26
C ALA A 47 10.80 18.18 -8.39
N PRO A 48 10.19 19.30 -8.01
CA PRO A 48 9.07 19.20 -7.07
C PRO A 48 7.89 18.38 -7.58
N GLU A 49 7.75 18.24 -8.90
CA GLU A 49 6.64 17.44 -9.43
C GLU A 49 6.76 16.01 -8.98
N ILE A 50 7.97 15.53 -8.75
CA ILE A 50 8.16 14.19 -8.16
C ILE A 50 7.51 14.08 -6.80
N ASN A 51 7.73 15.10 -5.96
CA ASN A 51 7.10 15.06 -4.63
C ASN A 51 5.59 15.11 -4.71
N ARG A 52 5.07 15.97 -5.59
CA ARG A 52 3.61 16.04 -5.81
C ARG A 52 3.01 14.71 -6.28
N GLY A 53 3.70 14.05 -7.20
CA GLY A 53 3.31 12.71 -7.67
C GLY A 53 3.28 11.76 -6.48
N TYR A 54 4.33 11.80 -5.64
CA TYR A 54 4.32 10.88 -4.50
C TYR A 54 3.16 11.17 -3.54
N PHE A 55 2.84 12.45 -3.38
CA PHE A 55 1.79 12.83 -2.45
C PHE A 55 0.47 12.30 -2.98
N ALA A 56 0.17 12.54 -4.26
CA ALA A 56 -1.03 12.03 -4.88
C ALA A 56 -1.15 10.48 -4.77
N ARG A 57 -0.05 9.77 -5.02
CA ARG A 57 -0.03 8.29 -4.88
C ARG A 57 -0.43 7.87 -3.47
N VAL A 58 0.20 8.47 -2.46
CA VAL A 58 0.01 8.07 -1.07
C VAL A 58 -1.39 8.49 -0.59
N HIS A 59 -1.86 9.64 -1.06
CA HIS A 59 -3.18 10.10 -0.69
C HIS A 59 -4.27 9.24 -1.35
N GLY A 60 -4.08 8.88 -2.61
CA GLY A 60 -5.04 8.02 -3.26
C GLY A 60 -5.20 6.67 -2.61
N VAL A 61 -4.07 6.01 -2.36
CA VAL A 61 -4.09 4.72 -1.71
C VAL A 61 -4.75 4.90 -0.35
N SER A 62 -4.38 5.95 0.39
CA SER A 62 -4.85 6.08 1.75
C SER A 62 -6.34 6.33 1.80
N GLN A 63 -6.87 7.14 0.87
CA GLN A 63 -8.33 7.34 0.83
C GLN A 63 -9.09 6.04 0.56
N LEU A 64 -8.51 5.17 -0.28
CA LEU A 64 -9.12 3.90 -0.57
C LEU A 64 -9.09 3.01 0.65
N ILE A 65 -7.95 2.91 1.31
CA ILE A 65 -7.89 2.15 2.55
C ILE A 65 -8.93 2.68 3.55
N LYS A 66 -8.95 3.98 3.80
CA LYS A 66 -9.87 4.45 4.84
C LYS A 66 -11.31 4.21 4.49
N ALA A 67 -11.67 4.30 3.20
CA ALA A 67 -13.01 3.92 2.74
C ALA A 67 -13.34 2.50 3.16
N PHE A 68 -12.39 1.62 2.97
CA PHE A 68 -12.57 0.20 3.26
C PHE A 68 -12.74 0.02 4.76
N LEU A 69 -11.85 0.64 5.52
CA LEU A 69 -11.93 0.60 6.96
C LEU A 69 -13.30 1.05 7.46
N ARG A 70 -13.83 2.14 6.88
CA ARG A 70 -15.16 2.65 7.26
C ARG A 70 -16.32 1.68 6.97
N LYS A 71 -16.35 1.09 5.78
CA LYS A 71 -17.39 0.14 5.42
C LYS A 71 -17.37 -1.12 6.28
N THR A 72 -16.18 -1.56 6.70
CA THR A 72 -16.00 -2.79 7.49
C THR A 72 -15.95 -2.52 9.00
N GLU A 73 -16.01 -1.24 9.40
CA GLU A 73 -15.82 -0.80 10.80
C GLU A 73 -14.59 -1.43 11.38
N CYS A 74 -13.54 -1.53 10.55
CA CYS A 74 -12.25 -2.07 10.97
C CYS A 74 -12.28 -3.56 11.34
N HIS A 75 -13.41 -4.21 11.14
CA HIS A 75 -13.50 -5.64 11.35
C HIS A 75 -13.19 -6.24 10.00
N CYS A 76 -11.89 -6.40 9.78
CA CYS A 76 -11.31 -6.68 8.45
C CYS A 76 -9.80 -6.91 8.57
N GLN A 77 -9.19 -7.37 7.48
CA GLN A 77 -7.74 -7.43 7.41
C GLN A 77 -7.19 -6.56 6.28
N ILE A 78 -5.92 -6.16 6.39
CA ILE A 78 -5.21 -5.49 5.31
C ILE A 78 -3.95 -6.31 5.01
N VAL A 79 -3.73 -6.64 3.73
CA VAL A 79 -2.49 -7.34 3.36
C VAL A 79 -1.80 -6.52 2.32
N ASN A 80 -0.65 -6.03 2.67
CA ASN A 80 0.01 -5.19 1.72
C ASN A 80 1.11 -6.01 1.08
N LEU A 81 0.98 -6.27 -0.22
CA LEU A 81 1.90 -7.17 -0.90
C LEU A 81 3.04 -6.39 -1.51
N GLY A 82 4.26 -6.72 -1.09
CA GLY A 82 5.42 -5.94 -1.53
C GLY A 82 5.49 -4.59 -0.81
N ALA A 83 5.24 -4.64 0.51
CA ALA A 83 5.11 -3.46 1.38
C ALA A 83 6.34 -2.60 1.54
N GLY A 84 7.53 -3.20 1.39
CA GLY A 84 8.80 -2.48 1.57
C GLY A 84 8.90 -1.86 2.97
N MET A 85 9.44 -0.65 3.07
CA MET A 85 9.46 0.09 4.36
C MET A 85 8.20 0.93 4.60
N ASP A 86 7.05 0.39 4.23
CA ASP A 86 5.80 1.14 4.40
C ASP A 86 5.55 1.42 5.87
N THR A 87 4.96 2.56 6.18
CA THR A 87 4.73 2.93 7.57
C THR A 87 3.26 2.96 7.95
N THR A 88 2.40 2.53 7.03
CA THR A 88 0.96 2.69 7.14
C THR A 88 0.41 2.05 8.42
N PHE A 89 0.92 0.88 8.81
CA PHE A 89 0.49 0.29 10.09
C PHE A 89 0.54 1.31 11.26
N TRP A 90 1.63 2.10 11.34
CA TRP A 90 1.86 3.01 12.48
C TRP A 90 1.02 4.27 12.32
N ARG A 91 0.75 4.65 11.08
CA ARG A 91 -0.14 5.78 10.82
C ARG A 91 -1.60 5.48 11.15
N LEU A 92 -2.08 4.30 10.75
CA LEU A 92 -3.43 3.86 11.11
C LEU A 92 -3.55 3.71 12.63
N LYS A 93 -2.48 3.27 13.29
CA LYS A 93 -2.55 3.13 14.74
C LYS A 93 -2.89 4.48 15.37
N ASP A 94 -2.08 5.48 15.03
CA ASP A 94 -2.25 6.86 15.52
C ASP A 94 -3.56 7.48 15.21
N GLU A 95 -4.16 7.07 14.11
CA GLU A 95 -5.46 7.57 13.74
C GLU A 95 -6.59 6.76 14.36
N ASP A 96 -6.26 5.79 15.20
CA ASP A 96 -7.26 4.84 15.72
C ASP A 96 -8.06 4.18 14.58
N LEU A 97 -7.37 3.77 13.52
CA LEU A 97 -8.04 3.10 12.41
C LEU A 97 -7.47 1.71 12.06
N LEU A 98 -7.03 0.96 13.06
CA LEU A 98 -6.43 -0.33 12.80
C LEU A 98 -7.46 -1.38 12.40
N PRO A 99 -7.07 -2.24 11.44
CA PRO A 99 -7.85 -3.42 11.10
C PRO A 99 -7.66 -4.43 12.17
N SER A 100 -8.50 -5.47 12.19
CA SER A 100 -8.28 -6.54 13.14
C SER A 100 -6.80 -7.02 13.11
N LYS A 101 -6.28 -7.29 11.92
CA LYS A 101 -4.85 -7.55 11.75
C LYS A 101 -4.28 -6.95 10.44
N TYR A 102 -3.02 -6.56 10.50
CA TYR A 102 -2.36 -5.90 9.41
C TYR A 102 -1.21 -6.76 8.97
N PHE A 103 -1.16 -7.13 7.70
CA PHE A 103 -0.10 -8.01 7.23
C PHE A 103 0.74 -7.33 6.18
N GLU A 104 2.05 -7.55 6.23
CA GLU A 104 2.92 -7.16 5.15
C GLU A 104 3.68 -8.33 4.57
N VAL A 105 3.80 -8.35 3.23
CA VAL A 105 4.65 -9.31 2.51
C VAL A 105 5.76 -8.62 1.70
N ASP A 106 6.99 -9.12 1.83
CA ASP A 106 8.04 -8.77 0.89
C ASP A 106 9.08 -9.85 0.79
N PHE A 107 10.02 -9.70 -0.12
CA PHE A 107 11.15 -10.61 -0.12
C PHE A 107 11.78 -10.74 1.26
N PRO A 108 12.27 -11.95 1.61
CA PRO A 108 12.94 -12.23 2.90
C PRO A 108 14.03 -11.22 3.31
N MET A 109 14.93 -10.86 2.39
CA MET A 109 15.98 -9.87 2.71
C MET A 109 15.42 -8.46 2.97
N ILE A 110 14.35 -8.08 2.28
CA ILE A 110 13.71 -6.78 2.52
C ILE A 110 13.06 -6.80 3.90
N VAL A 111 12.40 -7.91 4.23
CA VAL A 111 11.90 -8.15 5.57
C VAL A 111 12.97 -8.16 6.71
N THR A 112 14.13 -8.78 6.51
CA THR A 112 15.20 -8.78 7.52
C THR A 112 15.61 -7.35 7.82
N ARG A 113 15.85 -6.59 6.75
CA ARG A 113 16.17 -5.19 6.86
C ARG A 113 15.05 -4.47 7.65
N LYS A 114 13.78 -4.72 7.35
CA LYS A 114 12.73 -4.03 8.12
C LYS A 114 12.75 -4.42 9.58
N LEU A 115 12.94 -5.71 9.85
CA LEU A 115 12.94 -6.20 11.22
C LEU A 115 14.11 -5.61 12.00
N HIS A 116 15.30 -5.54 11.38
CA HIS A 116 16.45 -4.93 12.05
C HIS A 116 16.17 -3.49 12.51
N SER A 117 15.48 -2.72 11.67
CA SER A 117 15.05 -1.37 12.07
C SER A 117 14.03 -1.37 13.21
N ILE A 118 13.06 -2.28 13.17
CA ILE A 118 12.07 -2.29 14.25
C ILE A 118 12.79 -2.66 15.57
N LYS A 119 13.69 -3.62 15.50
CA LYS A 119 14.46 -4.07 16.65
C LYS A 119 15.29 -2.92 17.28
N CYS A 120 15.84 -2.06 16.42
CA CYS A 120 16.73 -0.98 16.84
C CYS A 120 16.01 0.33 17.18
N LYS A 121 14.67 0.36 17.08
CA LYS A 121 13.91 1.62 17.23
C LYS A 121 12.64 1.47 18.08
N PRO A 122 12.73 1.69 19.40
CA PRO A 122 11.49 1.66 20.18
C PRO A 122 10.31 2.48 19.61
N PRO A 123 10.56 3.59 18.90
CA PRO A 123 9.37 4.27 18.32
C PRO A 123 8.58 3.39 17.32
N LEU A 124 9.25 2.35 16.81
CA LEU A 124 8.63 1.37 15.92
C LEU A 124 8.15 0.17 16.73
N SER A 125 8.99 -0.30 17.65
CA SER A 125 8.68 -1.56 18.29
C SER A 125 7.71 -1.45 19.47
N SER A 126 7.65 -0.29 20.13
CA SER A 126 6.73 -0.13 21.29
C SER A 126 5.25 -0.31 20.97
N PRO A 127 4.75 0.40 19.94
CA PRO A 127 3.38 0.25 19.48
C PRO A 127 3.02 -1.18 19.07
N ILE A 128 3.93 -1.89 18.41
CA ILE A 128 3.63 -3.28 18.09
C ILE A 128 3.36 -4.08 19.40
N LEU A 129 4.22 -3.92 20.39
CA LEU A 129 4.12 -4.73 21.61
C LEU A 129 2.95 -4.32 22.47
N GLU A 130 2.62 -3.03 22.43
CA GLU A 130 1.47 -2.50 23.16
C GLU A 130 0.20 -3.26 22.76
N LEU A 131 0.06 -3.52 21.46
CA LEU A 131 -1.10 -4.22 20.93
C LEU A 131 -0.92 -5.73 20.90
N HIS A 132 0.24 -6.19 21.35
CA HIS A 132 0.55 -7.60 21.37
C HIS A 132 0.09 -8.26 22.68
N SER A 133 0.02 -9.59 22.68
CA SER A 133 -0.46 -10.33 23.81
C SER A 133 0.69 -10.74 24.72
N GLU A 134 1.93 -10.52 24.28
CA GLU A 134 3.12 -10.75 25.11
C GLU A 134 3.99 -9.49 25.10
N ASP A 135 4.97 -9.42 25.99
CA ASP A 135 5.81 -8.26 26.17
C ASP A 135 7.10 -8.34 25.39
N THR A 136 7.23 -9.43 24.65
CA THR A 136 8.42 -9.79 23.86
C THR A 136 7.98 -10.22 22.46
N LEU A 137 8.82 -9.95 21.46
CA LEU A 137 8.57 -10.42 20.10
C LEU A 137 9.67 -11.37 19.63
N GLN A 138 9.26 -12.53 19.12
CA GLN A 138 10.14 -13.44 18.41
C GLN A 138 10.31 -12.99 16.96
N MET A 139 11.53 -12.63 16.61
CA MET A 139 11.82 -12.22 15.25
C MET A 139 12.69 -13.25 14.55
N ASP A 140 12.30 -14.52 14.67
CA ASP A 140 13.08 -15.60 14.07
C ASP A 140 12.98 -15.58 12.55
N GLY A 141 14.11 -15.86 11.90
CA GLY A 141 14.21 -15.81 10.44
C GLY A 141 13.67 -14.50 9.89
N HIS A 142 12.66 -14.64 9.04
CA HIS A 142 12.29 -13.57 8.14
C HIS A 142 10.81 -13.38 8.27
N ILE A 143 10.34 -13.53 9.51
CA ILE A 143 8.95 -13.29 9.91
C ILE A 143 8.93 -12.56 11.25
N LEU A 144 8.03 -11.59 11.37
CA LEU A 144 7.62 -11.03 12.68
C LEU A 144 6.11 -11.25 12.74
N ASP A 145 5.64 -12.04 13.72
CA ASP A 145 4.21 -12.24 13.94
C ASP A 145 3.79 -11.67 15.29
N SER A 146 2.82 -10.79 15.31
CA SER A 146 2.25 -10.37 16.58
C SER A 146 0.75 -10.31 16.41
N LYS A 147 0.05 -9.95 17.47
CA LYS A 147 -1.43 -9.94 17.48
C LYS A 147 -2.08 -9.09 16.39
N ARG A 148 -1.60 -7.87 16.17
CA ARG A 148 -2.24 -6.94 15.23
C ARG A 148 -1.41 -6.67 13.96
N TYR A 149 -0.15 -7.10 13.97
CA TYR A 149 0.82 -6.79 12.91
C TYR A 149 1.75 -7.97 12.60
N ALA A 150 1.89 -8.30 11.31
CA ALA A 150 2.80 -9.37 10.88
C ALA A 150 3.54 -8.90 9.65
N VAL A 151 4.84 -9.17 9.62
CA VAL A 151 5.68 -8.89 8.46
C VAL A 151 6.33 -10.21 8.05
N ILE A 152 6.04 -10.64 6.83
CA ILE A 152 6.33 -11.97 6.35
C ILE A 152 7.23 -11.94 5.13
N GLY A 153 8.40 -12.57 5.24
CA GLY A 153 9.26 -12.76 4.07
C GLY A 153 8.76 -13.89 3.21
N ALA A 154 8.37 -13.59 1.98
CA ALA A 154 7.92 -14.64 1.04
C ALA A 154 8.10 -14.12 -0.39
N ASP A 155 8.01 -15.03 -1.34
CA ASP A 155 8.04 -14.66 -2.75
C ASP A 155 6.63 -14.69 -3.26
N LEU A 156 6.17 -13.54 -3.73
CA LEU A 156 4.81 -13.40 -4.29
C LEU A 156 4.59 -14.28 -5.53
N ARG A 157 5.65 -14.84 -6.09
CA ARG A 157 5.51 -15.75 -7.25
C ARG A 157 5.30 -17.19 -6.80
N ASP A 158 5.33 -17.41 -5.49
CA ASP A 158 5.08 -18.75 -4.94
C ASP A 158 3.82 -18.64 -4.13
N LEU A 159 2.69 -18.80 -4.79
CA LEU A 159 1.40 -18.58 -4.15
C LEU A 159 1.09 -19.59 -3.04
N SER A 160 1.53 -20.84 -3.17
CA SER A 160 1.26 -21.79 -2.08
C SER A 160 2.09 -21.52 -0.82
N GLU A 161 3.36 -21.15 -0.98
CA GLU A 161 4.14 -20.64 0.14
C GLU A 161 3.48 -19.37 0.74
N LEU A 162 3.10 -18.42 -0.13
CA LEU A 162 2.51 -17.12 0.31
C LEU A 162 1.32 -17.41 1.22
N GLU A 163 0.44 -18.27 0.76
CA GLU A 163 -0.78 -18.60 1.51
C GLU A 163 -0.49 -19.37 2.80
N GLU A 164 0.43 -20.32 2.77
CA GLU A 164 0.80 -21.03 4.01
C GLU A 164 1.34 -20.09 5.11
N LYS A 165 2.21 -19.16 4.72
CA LYS A 165 2.87 -18.25 5.67
C LYS A 165 1.89 -17.22 6.23
N LEU A 166 0.99 -16.73 5.38
CA LEU A 166 -0.10 -15.87 5.82
C LEU A 166 -1.03 -16.57 6.84
N LYS A 167 -1.54 -17.74 6.48
CA LYS A 167 -2.43 -18.49 7.37
C LYS A 167 -1.79 -18.86 8.71
N LYS A 168 -0.51 -19.19 8.69
CA LYS A 168 0.12 -19.47 9.95
C LYS A 168 0.41 -18.21 10.80
N CYS A 169 0.25 -17.03 10.22
CA CYS A 169 0.17 -15.81 11.02
C CYS A 169 -1.26 -15.39 11.26
N ASN A 170 -2.17 -16.35 11.25
CA ASN A 170 -3.56 -16.06 11.57
C ASN A 170 -4.28 -15.19 10.55
N MET A 171 -3.96 -15.30 9.27
CA MET A 171 -4.86 -14.69 8.31
C MET A 171 -6.12 -15.53 8.14
N ASN A 172 -7.27 -14.87 8.32
CA ASN A 172 -8.58 -15.52 8.40
C ASN A 172 -9.35 -15.19 7.11
N THR A 173 -9.57 -16.17 6.24
CA THR A 173 -10.25 -15.89 4.94
C THR A 173 -11.75 -15.53 5.10
N GLN A 174 -12.28 -15.58 6.31
CA GLN A 174 -13.68 -15.19 6.53
C GLN A 174 -13.89 -13.71 6.76
N LEU A 175 -12.81 -12.99 7.02
CA LEU A 175 -12.91 -11.57 7.31
C LEU A 175 -12.79 -10.82 5.99
N PRO A 176 -13.58 -9.74 5.84
CA PRO A 176 -13.32 -8.90 4.67
C PRO A 176 -11.83 -8.54 4.64
N THR A 177 -11.22 -8.66 3.48
CA THR A 177 -9.77 -8.46 3.41
C THR A 177 -9.39 -7.57 2.25
N LEU A 178 -8.63 -6.52 2.57
CA LEU A 178 -8.08 -5.61 1.59
C LEU A 178 -6.61 -5.94 1.27
N LEU A 179 -6.33 -6.19 0.00
CA LEU A 179 -4.96 -6.49 -0.43
C LEU A 179 -4.47 -5.33 -1.27
N ILE A 180 -3.22 -4.96 -1.10
CA ILE A 180 -2.63 -3.82 -1.81
C ILE A 180 -1.37 -4.20 -2.52
N ALA A 181 -1.29 -3.88 -3.80
CA ALA A 181 -0.02 -4.00 -4.49
C ALA A 181 0.28 -2.65 -5.08
N GLU A 182 1.22 -1.93 -4.45
CA GLU A 182 1.52 -0.52 -4.78
C GLU A 182 2.93 -0.53 -5.36
N CYS A 183 2.99 -0.52 -6.69
CA CYS A 183 4.25 -0.61 -7.47
C CYS A 183 4.96 -1.93 -7.28
N VAL A 184 4.23 -3.03 -7.26
CA VAL A 184 4.86 -4.32 -7.05
C VAL A 184 4.71 -5.22 -8.29
N LEU A 185 3.58 -5.13 -8.94
CA LEU A 185 3.23 -6.10 -9.96
C LEU A 185 4.14 -6.02 -11.18
N VAL A 186 4.82 -4.88 -11.35
CA VAL A 186 5.74 -4.72 -12.48
C VAL A 186 6.98 -5.62 -12.39
N TYR A 187 7.31 -6.06 -11.17
CA TYR A 187 8.48 -6.87 -10.89
C TYR A 187 8.25 -8.35 -11.17
N MET A 188 7.03 -8.70 -11.59
CA MET A 188 6.76 -10.07 -12.00
C MET A 188 6.18 -10.12 -13.39
N THR A 189 6.17 -11.31 -14.00
CA THR A 189 5.67 -11.44 -15.36
C THR A 189 4.18 -11.17 -15.34
N PRO A 190 3.59 -10.91 -16.51
CA PRO A 190 2.13 -10.70 -16.51
C PRO A 190 1.37 -11.94 -16.04
N GLU A 191 1.86 -13.14 -16.37
CA GLU A 191 1.27 -14.37 -15.86
C GLU A 191 1.33 -14.48 -14.34
N GLN A 192 2.47 -14.20 -13.75
CA GLN A 192 2.64 -14.20 -12.28
C GLN A 192 1.74 -13.23 -11.57
N SER A 193 1.62 -12.00 -12.11
CA SER A 193 0.72 -11.01 -11.48
C SER A 193 -0.75 -11.33 -11.67
N ALA A 194 -1.12 -11.76 -12.87
CA ALA A 194 -2.45 -12.31 -13.05
C ALA A 194 -2.72 -13.44 -12.03
N ASN A 195 -1.77 -14.36 -11.84
CA ASN A 195 -1.97 -15.41 -10.86
C ASN A 195 -2.07 -14.89 -9.41
N LEU A 196 -1.32 -13.85 -9.06
CA LEU A 196 -1.48 -13.25 -7.74
C LEU A 196 -2.91 -12.71 -7.60
N LEU A 197 -3.36 -11.92 -8.57
CA LEU A 197 -4.68 -11.29 -8.52
C LEU A 197 -5.76 -12.37 -8.42
N LYS A 198 -5.57 -13.47 -9.15
CA LYS A 198 -6.54 -14.53 -9.17
C LYS A 198 -6.61 -15.24 -7.81
N TRP A 199 -5.45 -15.60 -7.28
CA TRP A 199 -5.35 -16.15 -5.92
C TRP A 199 -6.05 -15.24 -4.91
N ALA A 200 -5.75 -13.94 -4.96
CA ALA A 200 -6.36 -12.98 -4.04
C ALA A 200 -7.88 -13.06 -4.09
N ALA A 201 -8.44 -13.09 -5.30
CA ALA A 201 -9.89 -13.17 -5.44
C ALA A 201 -10.42 -14.52 -4.96
N ASN A 202 -9.72 -15.60 -5.28
CA ASN A 202 -10.19 -16.92 -4.94
C ASN A 202 -10.18 -17.19 -3.46
N SER A 203 -9.29 -16.54 -2.73
CA SER A 203 -9.11 -16.88 -1.33
C SER A 203 -10.13 -16.26 -0.38
N PHE A 204 -10.85 -15.23 -0.82
CA PHE A 204 -11.77 -14.49 0.05
C PHE A 204 -13.12 -14.34 -0.58
N GLU A 205 -14.14 -14.59 0.21
CA GLU A 205 -15.48 -14.33 -0.27
C GLU A 205 -15.78 -12.82 -0.28
N ARG A 206 -15.19 -12.08 0.65
CA ARG A 206 -15.34 -10.62 0.66
C ARG A 206 -13.99 -9.90 0.72
N ALA A 207 -13.73 -9.05 -0.27
CA ALA A 207 -12.37 -8.58 -0.56
C ALA A 207 -12.33 -7.31 -1.42
N MET A 208 -11.23 -6.57 -1.31
CA MET A 208 -10.96 -5.44 -2.17
C MET A 208 -9.49 -5.53 -2.57
N PHE A 209 -9.12 -5.08 -3.76
CA PHE A 209 -7.69 -5.07 -4.15
C PHE A 209 -7.36 -3.68 -4.63
N ILE A 210 -6.21 -3.15 -4.24
CA ILE A 210 -5.73 -1.85 -4.78
C ILE A 210 -4.43 -2.11 -5.49
N ASN A 211 -4.37 -1.67 -6.74
CA ASN A 211 -3.21 -1.74 -7.57
C ASN A 211 -2.77 -0.35 -8.05
N TYR A 212 -1.56 0.08 -7.68
CA TYR A 212 -1.00 1.37 -8.17
C TYR A 212 0.22 1.03 -8.97
N GLU A 213 0.26 1.47 -10.23
CA GLU A 213 1.28 1.03 -11.20
C GLU A 213 1.55 2.14 -12.22
N GLN A 214 2.71 2.06 -12.85
CA GLN A 214 2.95 2.77 -14.10
C GLN A 214 2.14 2.17 -15.26
N VAL A 215 1.62 3.04 -16.11
CA VAL A 215 0.92 2.58 -17.29
C VAL A 215 1.92 2.40 -18.43
N ASN A 216 2.42 1.17 -18.55
CA ASN A 216 3.48 0.83 -19.50
C ASN A 216 3.01 0.71 -20.93
N GLU A 217 3.96 0.45 -21.82
CA GLU A 217 3.68 0.19 -23.24
C GLU A 217 2.47 -0.73 -23.31
N GLY A 218 1.52 -0.38 -24.17
CA GLY A 218 0.39 -1.30 -24.44
C GLY A 218 -0.73 -1.37 -23.41
N LYS A 219 -0.47 -0.99 -22.17
CA LYS A 219 -1.53 -0.97 -21.14
C LYS A 219 -2.35 0.31 -21.16
N SER A 220 -3.51 0.28 -20.52
CA SER A 220 -4.47 1.37 -20.54
C SER A 220 -5.36 1.18 -19.32
N LEU A 221 -6.11 2.20 -18.91
CA LEU A 221 -7.01 2.03 -17.76
C LEU A 221 -7.93 0.80 -17.95
N GLU A 222 -8.42 0.62 -19.18
CA GLU A 222 -9.40 -0.41 -19.46
C GLU A 222 -8.77 -1.77 -19.31
N SER A 223 -7.53 -1.91 -19.77
CA SER A 223 -6.84 -3.20 -19.61
C SER A 223 -6.51 -3.47 -18.15
N GLN A 224 -6.25 -2.40 -17.41
CA GLN A 224 -6.06 -2.49 -15.97
C GLN A 224 -7.34 -2.97 -15.26
N LYS A 225 -8.49 -2.40 -15.63
CA LYS A 225 -9.79 -2.86 -15.08
C LYS A 225 -10.01 -4.33 -15.41
N GLU A 226 -9.78 -4.69 -16.68
CA GLU A 226 -10.02 -6.06 -17.17
C GLU A 226 -9.07 -7.06 -16.55
N ARG A 227 -7.84 -6.63 -16.27
CA ARG A 227 -6.86 -7.51 -15.63
C ARG A 227 -7.43 -8.02 -14.28
N LEU A 228 -8.13 -7.15 -13.56
CA LEU A 228 -8.78 -7.53 -12.33
C LEU A 228 -10.07 -8.29 -12.57
N LEU A 229 -10.98 -7.75 -13.39
CA LEU A 229 -12.24 -8.48 -13.70
C LEU A 229 -11.98 -9.89 -14.27
N SER A 230 -10.91 -10.07 -15.06
CA SER A 230 -10.71 -11.38 -15.71
C SER A 230 -10.05 -12.37 -14.78
N ASN A 231 -9.58 -11.88 -13.62
CA ASN A 231 -8.96 -12.74 -12.63
C ASN A 231 -9.78 -12.87 -11.35
N GLY A 232 -11.09 -12.81 -11.53
CA GLY A 232 -12.03 -13.23 -10.50
C GLY A 232 -12.57 -12.10 -9.67
N TRP A 233 -12.26 -10.84 -10.00
CA TRP A 233 -12.82 -9.74 -9.22
C TRP A 233 -14.17 -9.39 -9.84
N GLU A 234 -15.12 -8.92 -9.03
CA GLU A 234 -16.46 -8.60 -9.55
C GLU A 234 -16.67 -7.14 -9.94
N THR A 235 -16.00 -6.22 -9.28
CA THR A 235 -16.04 -4.83 -9.74
C THR A 235 -14.60 -4.30 -9.89
N ALA A 236 -14.41 -3.27 -10.71
CA ALA A 236 -13.11 -2.62 -10.85
C ALA A 236 -13.26 -1.21 -11.37
N SER A 237 -12.42 -0.32 -10.87
CA SER A 237 -12.33 0.99 -11.44
C SER A 237 -10.88 1.40 -11.55
N ALA A 238 -10.63 2.49 -12.28
CA ALA A 238 -9.28 2.90 -12.52
C ALA A 238 -9.25 4.34 -12.98
N VAL A 239 -8.33 5.12 -12.42
CA VAL A 239 -8.15 6.52 -12.79
C VAL A 239 -6.66 6.72 -13.01
N ASP A 240 -6.33 7.59 -13.96
CA ASP A 240 -4.94 8.00 -14.11
C ASP A 240 -4.63 9.05 -13.05
N MET A 241 -3.36 9.18 -12.71
CA MET A 241 -3.02 9.89 -11.52
C MET A 241 -3.24 11.40 -11.70
N MET A 242 -3.37 11.85 -12.93
CA MET A 242 -3.68 13.28 -13.14
C MET A 242 -5.14 13.58 -12.88
N GLU A 243 -6.03 12.67 -13.27
CA GLU A 243 -7.43 12.82 -12.91
C GLU A 243 -7.50 12.87 -11.37
N LEU A 244 -6.89 11.89 -10.72
CA LEU A 244 -6.86 11.88 -9.25
C LEU A 244 -6.30 13.17 -8.62
N TYR A 245 -5.15 13.61 -9.12
CA TYR A 245 -4.56 14.86 -8.61
C TYR A 245 -5.57 16.01 -8.77
N ASN A 246 -6.19 16.12 -9.94
CA ASN A 246 -7.25 17.11 -10.22
C ASN A 246 -8.46 17.05 -9.27
N ARG A 247 -8.70 15.90 -8.66
CA ARG A 247 -9.87 15.68 -7.81
C ARG A 247 -9.52 15.73 -6.33
N LEU A 248 -8.27 16.04 -6.04
CA LEU A 248 -7.84 16.13 -4.65
C LEU A 248 -8.60 17.25 -3.95
N PRO A 249 -8.83 17.13 -2.62
CA PRO A 249 -9.53 18.17 -1.87
C PRO A 249 -8.81 19.50 -2.03
N ARG A 250 -9.54 20.59 -2.14
CA ARG A 250 -8.87 21.85 -2.42
C ARG A 250 -8.00 22.26 -1.24
N ALA A 251 -8.35 21.84 -0.03
CA ALA A 251 -7.52 22.22 1.14
C ALA A 251 -6.15 21.50 1.14
N GLU A 252 -6.14 20.25 0.71
CA GLU A 252 -4.93 19.48 0.55
C GLU A 252 -4.05 19.97 -0.59
N VAL A 253 -4.66 20.20 -1.76
CA VAL A 253 -3.91 20.76 -2.90
C VAL A 253 -3.33 22.09 -2.49
N SER A 254 -4.17 22.96 -1.92
CA SER A 254 -3.65 24.25 -1.42
C SER A 254 -2.49 23.99 -0.45
N ARG A 255 -2.65 23.07 0.49
CA ARG A 255 -1.59 22.83 1.51
C ARG A 255 -0.30 22.42 0.81
N ILE A 256 -0.38 21.42 -0.07
CA ILE A 256 0.82 20.90 -0.70
C ILE A 256 1.43 21.77 -1.79
N GLU A 257 0.63 22.61 -2.45
CA GLU A 257 1.18 23.46 -3.54
C GLU A 257 1.96 24.68 -3.05
N SER A 258 1.80 25.03 -1.77
CA SER A 258 2.57 26.16 -1.29
C SER A 258 3.83 25.67 -0.58
N LEU A 259 4.04 24.36 -0.59
CA LEU A 259 5.32 23.86 -0.09
C LEU A 259 6.52 24.10 -1.00
N GLU A 260 6.31 24.04 -2.32
CA GLU A 260 7.46 24.21 -3.24
C GLU A 260 6.99 24.99 -4.44
N PHE A 261 7.88 25.78 -5.01
CA PHE A 261 7.60 26.53 -6.23
C PHE A 261 7.62 25.61 -7.44
N LEU A 262 6.56 25.65 -8.23
CA LEU A 262 6.52 24.88 -9.47
C LEU A 262 6.53 25.78 -10.70
N ASP A 263 7.54 25.59 -11.56
CA ASP A 263 7.68 26.39 -12.79
C ASP A 263 6.55 26.17 -13.80
N GLU A 264 6.63 26.92 -14.90
CA GLU A 264 5.48 27.19 -15.75
C GLU A 264 5.35 26.25 -16.98
N MET A 265 5.85 25.03 -16.85
CA MET A 265 5.91 24.13 -18.01
C MET A 265 4.96 22.91 -17.98
N GLU A 266 4.09 22.86 -16.97
CA GLU A 266 3.12 21.77 -16.85
C GLU A 266 3.66 20.38 -17.20
N LEU A 267 4.71 20.04 -16.45
CA LEU A 267 5.33 18.70 -16.44
C LEU A 267 4.81 17.80 -15.33
N LEU A 268 4.01 18.34 -14.41
CA LEU A 268 3.31 17.44 -13.47
C LEU A 268 2.42 16.50 -14.26
N GLU A 269 1.64 17.07 -15.17
CA GLU A 269 0.72 16.35 -16.01
C GLU A 269 1.39 15.31 -16.91
N GLN A 270 2.57 15.63 -17.42
CA GLN A 270 3.42 14.67 -18.15
C GLN A 270 3.78 13.47 -17.28
N LEU A 271 4.19 13.74 -16.04
CA LEU A 271 4.54 12.65 -15.13
C LEU A 271 3.34 11.76 -14.75
N MET A 272 2.24 12.38 -14.32
CA MET A 272 1.14 11.64 -13.68
C MET A 272 0.26 10.84 -14.61
N ARG A 273 0.22 11.26 -15.87
CA ARG A 273 -0.55 10.52 -16.86
C ARG A 273 0.01 9.10 -17.06
N HIS A 274 1.26 8.86 -16.70
CA HIS A 274 1.83 7.52 -16.79
C HIS A 274 1.64 6.62 -15.55
N TYR A 275 0.80 7.06 -14.61
CA TYR A 275 0.55 6.25 -13.43
C TYR A 275 -0.95 6.16 -13.26
N CYS A 276 -1.38 5.07 -12.65
CA CYS A 276 -2.78 4.78 -12.48
C CYS A 276 -3.06 4.13 -11.13
N LEU A 277 -4.21 4.44 -10.56
CA LEU A 277 -4.68 3.75 -9.36
C LEU A 277 -5.94 2.97 -9.71
N CYS A 278 -5.92 1.66 -9.45
CA CYS A 278 -7.00 0.76 -9.82
C CYS A 278 -7.43 0.11 -8.54
N TRP A 279 -8.71 -0.23 -8.44
CA TRP A 279 -9.16 -0.96 -7.29
C TRP A 279 -10.36 -1.84 -7.66
N ALA A 280 -10.51 -2.96 -7.00
CA ALA A 280 -11.53 -3.93 -7.40
C ALA A 280 -12.13 -4.50 -6.13
N THR A 281 -13.36 -4.99 -6.21
CA THR A 281 -13.99 -5.65 -5.08
C THR A 281 -14.68 -6.97 -5.50
N LYS A 282 -14.94 -7.79 -4.49
CA LYS A 282 -15.59 -9.09 -4.65
C LYS A 282 -16.46 -9.27 -3.38
N GLY A 283 -17.73 -9.63 -3.56
CA GLY A 283 -18.63 -9.88 -2.43
C GLY A 283 -18.91 -8.59 -1.65
N GLY A 284 -19.50 -8.72 -0.47
CA GLY A 284 -19.74 -7.60 0.46
C GLY A 284 -20.63 -6.47 -0.07
N ASN A 285 -21.54 -6.82 -0.97
CA ASN A 285 -22.57 -5.91 -1.39
C ASN A 285 -23.34 -5.44 -0.14
N GLU A 286 -23.47 -6.37 0.81
CA GLU A 286 -23.98 -6.13 2.17
C GLU A 286 -23.21 -5.03 2.88
N LEU A 287 -21.90 -5.03 2.67
CA LEU A 287 -21.04 -4.01 3.25
C LEU A 287 -20.98 -2.69 2.42
N GLY A 288 -21.46 -2.74 1.18
CA GLY A 288 -21.34 -1.62 0.23
C GLY A 288 -19.95 -1.42 -0.31
N LEU A 289 -19.21 -2.51 -0.51
CA LEU A 289 -17.81 -2.44 -0.95
C LEU A 289 -17.74 -1.94 -2.40
N LYS A 290 -18.66 -2.38 -3.24
CA LYS A 290 -18.61 -1.98 -4.64
C LYS A 290 -18.81 -0.46 -4.82
N GLU A 291 -19.11 0.23 -3.72
CA GLU A 291 -19.33 1.68 -3.73
C GLU A 291 -18.13 2.52 -3.37
N ILE A 292 -17.09 1.89 -2.82
CA ILE A 292 -15.88 2.60 -2.43
C ILE A 292 -15.21 3.27 -3.63
N THR A 293 -14.86 4.57 -3.49
CA THR A 293 -14.03 5.33 -4.44
C THR A 293 -13.04 6.22 -3.68
N TYR A 294 -12.08 6.81 -4.40
CA TYR A 294 -10.92 7.53 -3.81
C TYR A 294 -11.25 8.92 -3.31
#